data_4F63
#
_entry.id   4F63
#
_cell.length_a   208.306
_cell.length_b   57.477
_cell.length_c   65.452
_cell.angle_alpha   90.00
_cell.angle_beta   107.42
_cell.angle_gamma   90.00
#
_symmetry.space_group_name_H-M   'C 1 2 1'
#
loop_
_entity.id
_entity.type
_entity.pdbx_description
1 polymer 'Fibroblast growth factor receptor 1'
2 non-polymer 5-bromo-N~4~-(3-methyl-1H-pyrazol-5-yl)-N~2~-[2-(pyridin-3-yl)ethyl]pyrimidine-2,4-diamine
3 non-polymer 1,2-ETHANEDIOL
4 water water
#
_entity_poly.entity_id   1
_entity_poly.type   'polypeptide(L)'
_entity_poly.pdbx_seq_one_letter_code
;GAGVSEYELPEDPRWELPRDRLVLGKPLGEGAFGQVVLAEAIGLDKDKPNRVTKVAVKMLKSDATEKDLSDLISEMEMMK
MIGKHKNIINLLGACTQDGPLYVIVEYASKGNLREYLQARRPPGLEYSYNPSHNPEEQLSSKDLVSCAYQVARGMEYLAS
KKCIHRDLAARNVLVTEDNVMKIADFGLARDIHHIDYYKKTTNGRLPVKWMAPEALFDRIYTHQSDVWSFGVLLWEIFTL
GGSPYPGVPVEELFKLLKEGHRMDKPSNCTNELYMMMRDCWHAVPSQRPTFKQLVEDLDRIVALTSNQE
;
_entity_poly.pdbx_strand_id   A,B
#
# COMPACT_ATOMS: atom_id res chain seq x y z
CA GLU A 8 -33.36 38.44 -5.21
C GLU A 8 -32.90 37.50 -6.34
N LEU A 9 -33.69 36.45 -6.57
CA LEU A 9 -33.36 35.44 -7.59
C LEU A 9 -34.24 35.54 -8.81
N PRO A 10 -33.63 35.50 -9.99
CA PRO A 10 -34.40 35.60 -11.24
C PRO A 10 -35.28 34.38 -11.39
N GLU A 11 -36.54 34.54 -11.74
CA GLU A 11 -37.41 33.41 -12.01
C GLU A 11 -36.93 32.75 -13.30
N ASP A 12 -37.34 31.50 -13.52
CA ASP A 12 -36.84 30.65 -14.63
C ASP A 12 -37.77 29.44 -14.77
N PRO A 13 -38.77 29.56 -15.63
CA PRO A 13 -39.84 28.57 -15.77
C PRO A 13 -39.46 27.22 -16.30
N ARG A 14 -38.23 27.07 -16.79
CA ARG A 14 -37.79 25.77 -17.31
C ARG A 14 -37.57 24.77 -16.17
N TRP A 15 -37.32 25.29 -14.98
CA TRP A 15 -36.86 24.49 -13.85
C TRP A 15 -37.71 24.65 -12.60
N GLU A 16 -38.43 25.76 -12.53
CA GLU A 16 -39.12 26.17 -11.30
C GLU A 16 -40.23 25.20 -10.89
N LEU A 17 -40.20 24.73 -9.65
CA LEU A 17 -41.26 23.88 -9.07
C LEU A 17 -41.94 24.62 -7.93
N PRO A 18 -43.29 24.57 -7.84
CA PRO A 18 -43.97 25.17 -6.68
C PRO A 18 -43.50 24.61 -5.34
N ARG A 19 -43.35 25.49 -4.36
CA ARG A 19 -42.92 25.08 -3.03
C ARG A 19 -43.81 23.97 -2.44
N ASP A 20 -45.11 24.05 -2.72
CA ASP A 20 -46.06 23.07 -2.17
C ASP A 20 -46.00 21.71 -2.86
N ARG A 21 -45.25 21.59 -3.95
CA ARG A 21 -45.07 20.30 -4.64
C ARG A 21 -43.89 19.49 -4.08
N LEU A 22 -43.32 19.92 -2.97
CA LEU A 22 -42.12 19.29 -2.47
C LEU A 22 -42.24 19.02 -0.98
N VAL A 23 -42.31 17.73 -0.63
CA VAL A 23 -42.42 17.31 0.79
C VAL A 23 -41.04 16.94 1.35
N LEU A 24 -40.53 17.77 2.25
CA LEU A 24 -39.16 17.62 2.76
C LEU A 24 -39.05 16.54 3.82
N GLY A 25 -38.13 15.61 3.63
CA GLY A 25 -37.97 14.44 4.52
C GLY A 25 -36.62 14.41 5.23
N LYS A 26 -36.12 13.21 5.52
CA LYS A 26 -34.91 13.09 6.32
C LYS A 26 -33.67 13.70 5.66
N PRO A 27 -32.80 14.35 6.46
CA PRO A 27 -31.50 14.84 6.03
C PRO A 27 -30.67 13.69 5.48
N LEU A 28 -29.95 13.91 4.38
CA LEU A 28 -29.08 12.87 3.82
C LEU A 28 -27.61 13.09 4.21
N GLY A 29 -27.26 14.30 4.65
CA GLY A 29 -25.98 14.55 5.32
C GLY A 29 -25.34 15.78 4.72
N GLN A 35 -26.57 21.66 3.67
CA GLN A 35 -27.49 20.54 3.85
C GLN A 35 -28.00 19.91 2.53
N VAL A 36 -27.94 18.57 2.42
CA VAL A 36 -28.73 17.80 1.41
C VAL A 36 -29.76 16.91 2.08
N VAL A 37 -31.03 17.10 1.71
CA VAL A 37 -32.12 16.36 2.33
C VAL A 37 -32.86 15.49 1.32
N LEU A 38 -33.33 14.33 1.76
CA LEU A 38 -34.22 13.52 0.93
C LEU A 38 -35.56 14.22 0.89
N ALA A 39 -36.26 14.11 -0.23
CA ALA A 39 -37.59 14.72 -0.35
C ALA A 39 -38.49 13.94 -1.27
N GLU A 40 -39.74 14.38 -1.36
CA GLU A 40 -40.69 13.84 -2.34
C GLU A 40 -41.30 14.97 -3.16
N ALA A 41 -41.28 14.80 -4.49
CA ALA A 41 -41.74 15.80 -5.42
C ALA A 41 -43.01 15.36 -6.11
N ILE A 42 -44.12 16.04 -5.82
CA ILE A 42 -45.41 15.72 -6.38
C ILE A 42 -45.50 16.35 -7.75
N GLY A 43 -45.76 15.55 -8.78
CA GLY A 43 -45.87 16.08 -10.15
C GLY A 43 -44.63 15.95 -11.04
N LEU A 44 -43.75 16.95 -10.98
CA LEU A 44 -42.55 17.04 -11.87
C LEU A 44 -42.84 17.03 -13.39
N PRO A 49 -48.68 13.63 -12.83
CA PRO A 49 -48.99 14.81 -11.99
C PRO A 49 -49.50 14.45 -10.57
N ASN A 50 -50.12 13.28 -10.43
CA ASN A 50 -50.47 12.73 -9.12
C ASN A 50 -49.54 11.60 -8.67
N ARG A 51 -48.31 11.60 -9.18
CA ARG A 51 -47.28 10.70 -8.68
C ARG A 51 -46.16 11.48 -7.98
N VAL A 52 -45.50 10.82 -7.04
CA VAL A 52 -44.36 11.36 -6.30
C VAL A 52 -43.06 10.70 -6.75
N THR A 53 -42.01 11.49 -6.79
CA THR A 53 -40.69 10.98 -7.07
C THR A 53 -39.79 11.32 -5.87
N LYS A 54 -39.07 10.34 -5.36
CA LYS A 54 -38.04 10.61 -4.38
C LYS A 54 -36.97 11.40 -5.11
N VAL A 55 -36.59 12.51 -4.51
CA VAL A 55 -35.50 13.37 -4.97
C VAL A 55 -34.60 13.79 -3.77
N ALA A 56 -33.39 14.27 -4.08
CA ALA A 56 -32.51 14.93 -3.09
C ALA A 56 -32.58 16.41 -3.34
N VAL A 57 -32.41 17.20 -2.29
CA VAL A 57 -32.62 18.65 -2.37
C VAL A 57 -31.45 19.32 -1.73
N LYS A 58 -30.72 20.12 -2.51
CA LYS A 58 -29.61 20.93 -1.98
C LYS A 58 -30.12 22.29 -1.45
N MET A 59 -29.72 22.65 -0.24
CA MET A 59 -30.10 23.93 0.39
C MET A 59 -29.02 24.47 1.31
N LEU A 60 -29.19 25.71 1.72
CA LEU A 60 -28.23 26.39 2.58
C LEU A 60 -28.61 26.28 4.04
N LYS A 61 -27.58 26.29 4.90
CA LYS A 61 -27.77 26.41 6.36
C LYS A 61 -28.15 27.82 6.76
N SER A 62 -28.60 27.94 8.01
CA SER A 62 -28.81 29.22 8.68
C SER A 62 -27.48 30.02 8.71
N ASP A 63 -26.39 29.34 9.05
CA ASP A 63 -25.02 29.91 9.04
C ASP A 63 -24.66 30.83 7.86
N ALA A 64 -25.42 30.77 6.77
CA ALA A 64 -24.85 31.00 5.43
C ALA A 64 -24.58 32.45 5.06
N THR A 65 -23.60 32.59 4.16
CA THR A 65 -23.09 33.88 3.68
C THR A 65 -23.63 34.10 2.27
N GLU A 66 -23.39 35.27 1.71
CA GLU A 66 -23.81 35.54 0.33
C GLU A 66 -22.97 34.73 -0.66
N LYS A 67 -21.73 34.42 -0.32
CA LYS A 67 -20.85 33.61 -1.18
C LYS A 67 -21.37 32.18 -1.37
N ASP A 68 -22.02 31.65 -0.33
CA ASP A 68 -22.57 30.29 -0.30
C ASP A 68 -23.78 30.13 -1.21
N LEU A 69 -24.69 31.10 -1.14
CA LEU A 69 -25.74 31.25 -2.14
C LEU A 69 -25.13 31.36 -3.53
N SER A 70 -24.16 32.26 -3.71
CA SER A 70 -23.49 32.43 -5.01
C SER A 70 -23.04 31.13 -5.57
N ASP A 71 -22.50 30.29 -4.69
CA ASP A 71 -22.00 28.96 -5.06
C ASP A 71 -23.07 27.94 -5.41
N LEU A 72 -24.05 27.78 -4.54
CA LEU A 72 -25.22 26.98 -4.89
C LEU A 72 -25.85 27.42 -6.23
N ILE A 73 -26.10 28.71 -6.41
CA ILE A 73 -26.65 29.20 -7.68
C ILE A 73 -25.76 28.78 -8.87
N SER A 74 -24.47 29.13 -8.83
CA SER A 74 -23.52 28.72 -9.87
C SER A 74 -23.66 27.25 -10.19
N GLU A 75 -23.66 26.42 -9.14
CA GLU A 75 -23.77 24.99 -9.33
C GLU A 75 -25.00 24.66 -10.13
N MET A 76 -26.15 25.16 -9.70
CA MET A 76 -27.39 24.94 -10.42
C MET A 76 -27.32 25.41 -11.88
N GLU A 77 -26.88 26.64 -12.09
CA GLU A 77 -26.72 27.18 -13.46
C GLU A 77 -25.79 26.32 -14.34
N MET A 78 -24.75 25.77 -13.74
CA MET A 78 -23.86 24.88 -14.47
C MET A 78 -24.61 23.61 -14.90
N MET A 79 -25.26 22.99 -13.93
CA MET A 79 -26.12 21.85 -14.21
C MET A 79 -27.09 22.14 -15.37
N LYS A 80 -27.69 23.35 -15.38
CA LYS A 80 -28.57 23.76 -16.53
C LYS A 80 -27.87 23.69 -17.89
N MET A 81 -26.69 24.27 -17.97
CA MET A 81 -25.88 24.23 -19.20
C MET A 81 -25.49 22.82 -19.64
N ILE A 82 -25.03 21.99 -18.70
CA ILE A 82 -24.41 20.70 -19.03
C ILE A 82 -25.42 19.67 -19.59
N GLY A 83 -26.71 19.86 -19.31
CA GLY A 83 -27.78 18.93 -19.71
C GLY A 83 -27.72 17.54 -19.08
N LYS A 84 -28.61 16.67 -19.54
CA LYS A 84 -28.83 15.34 -18.94
C LYS A 84 -27.94 14.17 -19.46
N HIS A 85 -27.65 13.25 -18.55
CA HIS A 85 -27.01 11.98 -18.91
C HIS A 85 -27.30 10.94 -17.81
N LYS A 86 -27.47 9.69 -18.23
CA LYS A 86 -27.73 8.59 -17.31
C LYS A 86 -26.72 8.62 -16.16
N ASN A 87 -25.45 8.86 -16.48
CA ASN A 87 -24.35 8.69 -15.54
C ASN A 87 -23.80 9.94 -14.83
N ILE A 88 -24.64 10.97 -14.72
CA ILE A 88 -24.38 12.13 -13.84
C ILE A 88 -25.63 12.39 -12.99
N ILE A 89 -25.46 13.11 -11.88
CA ILE A 89 -26.57 13.53 -11.06
C ILE A 89 -27.25 14.69 -11.78
N ASN A 90 -28.44 14.40 -12.28
CA ASN A 90 -29.16 15.38 -13.04
C ASN A 90 -29.91 16.38 -12.15
N LEU A 91 -30.16 17.54 -12.72
CA LEU A 91 -30.98 18.55 -12.11
C LEU A 91 -32.41 18.22 -12.51
N LEU A 92 -33.30 18.15 -11.52
CA LEU A 92 -34.71 17.81 -11.77
C LEU A 92 -35.63 18.99 -11.70
N GLY A 93 -35.19 20.08 -11.06
CA GLY A 93 -36.06 21.23 -10.80
C GLY A 93 -35.40 22.16 -9.80
N ALA A 94 -36.14 23.18 -9.35
CA ALA A 94 -35.64 24.15 -8.36
C ALA A 94 -36.78 25.01 -7.77
N CYS A 95 -36.70 25.29 -6.47
CA CYS A 95 -37.53 26.32 -5.82
C CYS A 95 -36.75 27.58 -5.51
N THR A 96 -37.01 28.63 -6.29
CA THR A 96 -36.23 29.86 -6.27
C THR A 96 -36.97 31.09 -5.74
N GLN A 97 -38.28 30.99 -5.57
CA GLN A 97 -39.11 32.17 -5.26
C GLN A 97 -39.74 32.12 -3.88
N ASP A 98 -39.89 33.31 -3.30
CA ASP A 98 -40.55 33.49 -2.00
C ASP A 98 -40.10 32.41 -1.01
N GLY A 99 -38.79 32.32 -0.80
CA GLY A 99 -38.23 31.38 0.16
C GLY A 99 -36.77 30.94 -0.07
N PRO A 100 -36.29 29.96 0.72
CA PRO A 100 -34.91 29.47 0.65
C PRO A 100 -34.67 28.68 -0.62
N LEU A 101 -33.50 28.85 -1.24
CA LEU A 101 -33.29 28.27 -2.55
C LEU A 101 -33.24 26.75 -2.44
N TYR A 102 -34.07 26.04 -3.19
CA TYR A 102 -33.98 24.58 -3.16
C TYR A 102 -33.53 24.13 -4.54
N VAL A 103 -32.39 23.45 -4.61
CA VAL A 103 -31.96 22.84 -5.87
C VAL A 103 -32.31 21.38 -5.85
N ILE A 104 -33.17 20.96 -6.77
CA ILE A 104 -33.67 19.60 -6.73
C ILE A 104 -32.94 18.73 -7.74
N VAL A 105 -32.22 17.75 -7.22
CA VAL A 105 -31.45 16.84 -8.08
C VAL A 105 -31.84 15.39 -7.87
N GLU A 106 -31.34 14.53 -8.73
CA GLU A 106 -31.69 13.12 -8.70
C GLU A 106 -31.19 12.49 -7.41
N TYR A 107 -32.01 11.59 -6.88
CA TYR A 107 -31.73 10.82 -5.68
C TYR A 107 -31.18 9.45 -6.00
N ALA A 108 -30.16 9.10 -5.22
CA ALA A 108 -29.29 7.96 -5.43
C ALA A 108 -29.27 7.24 -4.09
N SER A 109 -30.06 6.19 -3.97
CA SER A 109 -30.41 5.65 -2.64
C SER A 109 -29.33 4.82 -1.99
N LYS A 110 -28.40 4.29 -2.76
CA LYS A 110 -27.38 3.38 -2.19
C LYS A 110 -26.04 4.05 -1.92
N GLY A 111 -26.05 5.38 -1.79
CA GLY A 111 -24.88 6.13 -1.30
C GLY A 111 -23.74 6.29 -2.31
N ASN A 112 -22.58 6.68 -1.80
CA ASN A 112 -21.41 6.91 -2.65
C ASN A 112 -20.70 5.60 -2.96
N LEU A 113 -20.07 5.56 -4.12
CA LEU A 113 -19.47 4.35 -4.63
C LEU A 113 -18.49 3.68 -3.65
N ARG A 114 -17.79 4.48 -2.86
CA ARG A 114 -16.85 3.97 -1.87
C ARG A 114 -17.57 3.08 -0.87
N GLU A 115 -18.61 3.62 -0.24
CA GLU A 115 -19.45 2.89 0.72
C GLU A 115 -20.11 1.63 0.10
N TYR A 116 -20.78 1.85 -1.02
CA TYR A 116 -21.42 0.78 -1.76
C TYR A 116 -20.47 -0.39 -2.02
N LEU A 117 -19.20 -0.10 -2.33
CA LEU A 117 -18.19 -1.14 -2.61
C LEU A 117 -17.74 -1.82 -1.33
N GLN A 118 -17.29 -1.02 -0.38
CA GLN A 118 -16.91 -1.52 0.93
C GLN A 118 -17.95 -2.42 1.54
N ALA A 119 -19.23 -2.05 1.40
CA ALA A 119 -20.32 -2.86 1.99
C ALA A 119 -20.50 -4.21 1.30
N ARG A 120 -20.03 -4.32 0.06
CA ARG A 120 -20.17 -5.53 -0.74
C ARG A 120 -18.93 -6.43 -0.73
N ARG A 121 -17.98 -6.08 0.13
CA ARG A 121 -16.82 -6.92 0.44
C ARG A 121 -17.21 -8.29 0.99
N PRO A 122 -16.40 -9.31 0.71
CA PRO A 122 -16.60 -10.57 1.44
C PRO A 122 -16.26 -10.45 2.94
N PRO A 123 -17.04 -11.16 3.79
CA PRO A 123 -17.02 -11.18 5.28
C PRO A 123 -15.66 -11.23 5.97
N GLU A 136 -25.00 -6.35 0.46
CA GLU A 136 -23.93 -7.30 0.82
C GLU A 136 -23.62 -8.24 -0.35
N GLU A 137 -24.68 -8.78 -0.97
CA GLU A 137 -24.55 -9.65 -2.16
C GLU A 137 -23.36 -9.15 -2.99
N GLN A 138 -22.30 -9.96 -3.01
CA GLN A 138 -20.99 -9.57 -3.54
C GLN A 138 -21.06 -9.18 -5.01
N LEU A 139 -20.02 -8.50 -5.47
CA LEU A 139 -19.99 -8.00 -6.83
C LEU A 139 -19.11 -8.88 -7.64
N SER A 140 -19.52 -9.21 -8.86
CA SER A 140 -18.66 -9.98 -9.76
C SER A 140 -17.61 -9.09 -10.41
N SER A 141 -16.64 -9.73 -11.04
CA SER A 141 -15.68 -9.02 -11.88
C SER A 141 -16.42 -8.22 -12.92
N LYS A 142 -17.44 -8.80 -13.51
CA LYS A 142 -18.18 -8.06 -14.50
C LYS A 142 -18.75 -6.78 -13.86
N ASP A 143 -19.33 -6.89 -12.67
CA ASP A 143 -19.89 -5.72 -11.95
C ASP A 143 -18.88 -4.63 -11.67
N LEU A 144 -17.67 -5.01 -11.29
CA LEU A 144 -16.68 -4.03 -10.99
C LEU A 144 -16.27 -3.30 -12.26
N VAL A 145 -15.97 -4.09 -13.29
CA VAL A 145 -15.61 -3.56 -14.60
C VAL A 145 -16.75 -2.71 -15.17
N SER A 146 -17.99 -3.10 -14.89
CA SER A 146 -19.19 -2.35 -15.32
C SER A 146 -19.40 -1.04 -14.58
N CYS A 147 -19.02 -1.03 -13.31
CA CYS A 147 -18.96 0.19 -12.53
C CYS A 147 -18.05 1.18 -13.26
N ALA A 148 -16.85 0.74 -13.61
CA ALA A 148 -15.85 1.65 -14.19
C ALA A 148 -16.33 2.18 -15.52
N TYR A 149 -16.92 1.29 -16.32
CA TYR A 149 -17.50 1.74 -17.60
C TYR A 149 -18.48 2.92 -17.41
N GLN A 150 -19.42 2.78 -16.49
CA GLN A 150 -20.43 3.82 -16.27
C GLN A 150 -19.81 5.16 -15.84
N VAL A 151 -18.81 5.13 -14.99
CA VAL A 151 -18.15 6.38 -14.59
C VAL A 151 -17.39 6.98 -15.77
N ALA A 152 -16.74 6.12 -16.55
CA ALA A 152 -16.04 6.59 -17.74
C ALA A 152 -17.01 7.16 -18.76
N ARG A 153 -18.24 6.65 -18.81
CA ARG A 153 -19.28 7.26 -19.66
C ARG A 153 -19.73 8.63 -19.17
N GLY A 154 -20.07 8.70 -17.88
CA GLY A 154 -20.40 9.97 -17.26
C GLY A 154 -19.33 11.04 -17.51
N MET A 155 -18.07 10.62 -17.41
CA MET A 155 -16.94 11.52 -17.64
C MET A 155 -16.80 11.94 -19.12
N GLU A 156 -16.95 11.01 -20.04
CA GLU A 156 -16.96 11.35 -21.46
C GLU A 156 -17.97 12.47 -21.75
N TYR A 157 -19.14 12.39 -21.12
CA TYR A 157 -20.21 13.34 -21.38
C TYR A 157 -19.83 14.68 -20.84
N LEU A 158 -19.49 14.70 -19.56
CA LEU A 158 -19.05 15.93 -18.92
C LEU A 158 -17.92 16.57 -19.73
N ALA A 159 -16.93 15.77 -20.12
CA ALA A 159 -15.84 16.26 -20.96
C ALA A 159 -16.36 16.90 -22.23
N SER A 160 -17.20 16.17 -22.97
CA SER A 160 -17.80 16.70 -24.21
C SER A 160 -18.61 18.01 -23.99
N LYS A 161 -19.10 18.26 -22.77
CA LYS A 161 -19.80 19.47 -22.46
C LYS A 161 -18.84 20.46 -21.81
N LYS A 162 -17.54 20.19 -22.01
CA LYS A 162 -16.49 21.15 -21.70
C LYS A 162 -16.25 21.28 -20.19
N CYS A 163 -16.72 20.31 -19.44
CA CYS A 163 -16.68 20.41 -18.00
C CYS A 163 -15.53 19.57 -17.45
N ILE A 164 -14.79 20.16 -16.53
CA ILE A 164 -13.68 19.55 -15.84
C ILE A 164 -14.08 19.39 -14.39
N HIS A 165 -13.97 18.18 -13.88
CA HIS A 165 -14.43 17.85 -12.54
C HIS A 165 -13.55 18.38 -11.44
N ARG A 166 -12.26 18.11 -11.55
CA ARG A 166 -11.25 18.49 -10.54
C ARG A 166 -11.21 17.64 -9.25
N ASP A 167 -12.29 16.96 -8.87
CA ASP A 167 -12.23 16.07 -7.70
C ASP A 167 -12.94 14.74 -7.92
N LEU A 168 -12.52 14.05 -8.97
CA LEU A 168 -13.13 12.83 -9.30
C LEU A 168 -12.56 11.80 -8.33
N ALA A 169 -13.48 11.15 -7.60
CA ALA A 169 -13.14 10.06 -6.71
C ALA A 169 -14.38 9.21 -6.47
N ALA A 170 -14.22 8.01 -5.93
CA ALA A 170 -15.39 7.15 -5.62
C ALA A 170 -16.42 7.82 -4.73
N ARG A 171 -15.98 8.66 -3.83
CA ARG A 171 -16.88 9.37 -2.95
C ARG A 171 -17.78 10.31 -3.69
N ASN A 172 -17.31 10.88 -4.80
CA ASN A 172 -18.14 11.79 -5.59
C ASN A 172 -18.82 11.04 -6.77
N VAL A 173 -18.97 9.73 -6.62
CA VAL A 173 -19.81 8.93 -7.51
C VAL A 173 -20.87 8.25 -6.69
N LEU A 174 -22.13 8.39 -7.09
CA LEU A 174 -23.23 7.81 -6.35
C LEU A 174 -23.92 6.68 -7.11
N VAL A 175 -24.65 5.88 -6.33
CA VAL A 175 -25.28 4.67 -6.82
C VAL A 175 -26.80 4.68 -6.54
N THR A 176 -27.58 4.57 -7.60
CA THR A 176 -29.04 4.51 -7.48
C THR A 176 -29.50 3.14 -7.05
N GLU A 177 -30.77 3.09 -6.64
CA GLU A 177 -31.48 1.87 -6.32
C GLU A 177 -31.22 0.78 -7.37
N ASP A 178 -31.21 1.15 -8.65
CA ASP A 178 -30.96 0.23 -9.78
C ASP A 178 -29.47 -0.01 -10.06
N ASN A 179 -28.63 0.40 -9.12
CA ASN A 179 -27.17 0.23 -9.22
C ASN A 179 -26.50 1.07 -10.31
N VAL A 180 -27.03 2.24 -10.62
CA VAL A 180 -26.51 3.09 -11.70
C VAL A 180 -25.54 4.13 -11.16
N MET A 181 -24.36 4.19 -11.75
CA MET A 181 -23.33 5.11 -11.28
C MET A 181 -23.68 6.52 -11.74
N LYS A 182 -23.57 7.47 -10.81
CA LYS A 182 -23.92 8.85 -11.08
C LYS A 182 -22.90 9.82 -10.50
N ILE A 183 -22.13 10.40 -11.40
CA ILE A 183 -21.14 11.38 -11.04
C ILE A 183 -21.83 12.56 -10.38
N ALA A 184 -21.27 12.98 -9.26
CA ALA A 184 -21.80 14.03 -8.44
C ALA A 184 -20.73 15.06 -8.30
N ASP A 185 -21.16 16.27 -7.96
CA ASP A 185 -20.27 17.40 -7.66
C ASP A 185 -19.50 17.96 -8.86
N PHE A 186 -19.92 17.58 -10.07
CA PHE A 186 -19.28 18.07 -11.28
C PHE A 186 -19.50 19.57 -11.58
N GLY A 187 -20.53 20.21 -11.02
CA GLY A 187 -20.79 21.64 -11.24
C GLY A 187 -20.25 22.61 -10.21
N LEU A 188 -19.44 22.09 -9.30
CA LEU A 188 -19.07 22.76 -8.07
C LEU A 188 -18.11 23.94 -8.23
N ALA A 189 -18.48 25.04 -7.57
CA ALA A 189 -17.69 26.27 -7.52
C ALA A 189 -16.64 26.10 -6.44
N ARG A 190 -15.39 26.04 -6.84
CA ARG A 190 -14.29 25.85 -5.89
C ARG A 190 -13.13 26.70 -6.38
N ASP A 191 -12.70 27.68 -5.57
CA ASP A 191 -11.52 28.49 -5.92
C ASP A 191 -10.28 27.63 -5.68
N ILE A 192 -9.68 27.18 -6.78
CA ILE A 192 -8.57 26.24 -6.67
C ILE A 192 -7.40 26.92 -5.98
N HIS A 193 -7.25 28.23 -6.20
CA HIS A 193 -6.19 29.02 -5.56
C HIS A 193 -6.40 29.17 -4.04
N HIS A 194 -7.28 28.35 -3.47
CA HIS A 194 -7.52 28.34 -2.04
C HIS A 194 -7.71 26.94 -1.44
N ILE A 195 -7.25 25.88 -2.12
CA ILE A 195 -7.39 24.52 -1.58
C ILE A 195 -6.49 24.31 -0.35
N ASP A 196 -7.10 23.83 0.72
CA ASP A 196 -6.37 23.37 1.91
C ASP A 196 -5.92 21.92 1.68
N TYR A 197 -4.63 21.76 1.36
CA TYR A 197 -4.10 20.44 1.01
C TYR A 197 -4.07 19.51 2.20
N TYR A 198 -3.98 20.09 3.40
CA TYR A 198 -3.87 19.34 4.66
C TYR A 198 -5.22 18.92 5.23
N LYS A 199 -6.32 19.24 4.54
CA LYS A 199 -7.67 18.91 5.01
C LYS A 199 -8.13 17.52 4.56
N LYS A 200 -8.79 16.82 5.47
CA LYS A 200 -9.24 15.44 5.29
C LYS A 200 -10.72 15.32 4.83
N THR A 201 -11.03 14.26 4.07
CA THR A 201 -12.41 13.98 3.68
C THR A 201 -13.10 13.66 4.98
N THR A 202 -14.44 13.71 5.03
CA THR A 202 -15.14 13.38 6.28
C THR A 202 -14.73 12.00 6.84
N ASN A 203 -14.38 11.09 5.92
CA ASN A 203 -13.93 9.75 6.29
C ASN A 203 -12.45 9.65 6.73
N GLY A 204 -11.71 10.77 6.75
CA GLY A 204 -10.30 10.76 7.18
C GLY A 204 -9.19 10.73 6.11
N ARG A 205 -9.58 10.53 4.82
CA ARG A 205 -8.64 10.54 3.68
C ARG A 205 -8.36 11.95 3.15
N LEU A 206 -7.24 12.11 2.42
CA LEU A 206 -6.78 13.43 1.92
C LEU A 206 -7.08 13.58 0.41
N PRO A 207 -7.84 14.61 0.02
CA PRO A 207 -8.22 14.74 -1.38
C PRO A 207 -7.02 14.74 -2.38
N VAL A 208 -5.91 15.35 -1.96
CA VAL A 208 -4.70 15.41 -2.81
C VAL A 208 -4.25 14.09 -3.46
N LYS A 209 -4.62 12.98 -2.87
CA LYS A 209 -4.24 11.68 -3.37
C LYS A 209 -4.95 11.29 -4.67
N TRP A 210 -5.93 12.09 -5.08
CA TRP A 210 -6.58 11.90 -6.37
C TRP A 210 -6.10 12.86 -7.46
N MET A 211 -5.26 13.81 -7.06
CA MET A 211 -4.86 14.89 -7.95
C MET A 211 -3.70 14.56 -8.86
N ALA A 212 -3.84 14.82 -10.15
CA ALA A 212 -2.70 14.69 -11.02
C ALA A 212 -1.62 15.63 -10.53
N PRO A 213 -0.34 15.27 -10.72
CA PRO A 213 0.79 16.12 -10.28
C PRO A 213 0.68 17.57 -10.73
N GLU A 214 0.50 17.75 -12.03
CA GLU A 214 0.45 19.09 -12.61
C GLU A 214 -0.68 19.93 -12.03
N ALA A 215 -1.75 19.29 -11.56
CA ALA A 215 -2.81 19.99 -10.82
C ALA A 215 -2.31 20.34 -9.42
N LEU A 216 -1.75 19.33 -8.76
CA LEU A 216 -1.18 19.44 -7.42
C LEU A 216 -0.08 20.52 -7.30
N PHE A 217 0.99 20.41 -8.08
CA PHE A 217 2.13 21.35 -7.95
C PHE A 217 1.98 22.65 -8.74
N ASP A 218 1.24 22.58 -9.84
CA ASP A 218 1.15 23.71 -10.79
C ASP A 218 -0.27 24.27 -10.91
N ARG A 219 -1.28 23.61 -10.34
CA ARG A 219 -2.67 24.08 -10.44
C ARG A 219 -3.20 24.10 -11.90
N ILE A 220 -2.71 23.18 -12.72
CA ILE A 220 -3.21 23.04 -14.08
C ILE A 220 -4.20 21.87 -14.17
N TYR A 221 -5.48 22.20 -14.17
CA TYR A 221 -6.57 21.24 -14.27
C TYR A 221 -7.09 21.13 -15.70
N THR A 222 -7.05 19.93 -16.27
CA THR A 222 -7.53 19.67 -17.63
C THR A 222 -8.37 18.43 -17.60
N HIS A 223 -8.86 17.99 -18.75
CA HIS A 223 -9.53 16.69 -18.86
C HIS A 223 -8.51 15.60 -18.51
N GLN A 224 -7.29 15.79 -19.00
CA GLN A 224 -6.12 14.98 -18.62
C GLN A 224 -5.87 14.76 -17.11
N SER A 225 -5.89 15.81 -16.28
CA SER A 225 -5.81 15.63 -14.81
C SER A 225 -7.01 14.83 -14.21
N ASP A 226 -8.19 14.98 -14.80
CA ASP A 226 -9.37 14.16 -14.44
C ASP A 226 -9.10 12.72 -14.74
N VAL A 227 -8.43 12.44 -15.85
CA VAL A 227 -8.15 11.06 -16.24
C VAL A 227 -7.18 10.45 -15.21
N TRP A 228 -6.16 11.18 -14.81
CA TRP A 228 -5.31 10.74 -13.70
C TRP A 228 -6.16 10.30 -12.51
N SER A 229 -7.16 11.10 -12.18
CA SER A 229 -8.07 10.83 -11.05
C SER A 229 -8.99 9.63 -11.27
N PHE A 230 -9.41 9.43 -12.51
CA PHE A 230 -10.09 8.21 -12.91
C PHE A 230 -9.20 6.99 -12.66
N GLY A 231 -7.89 7.16 -12.85
CA GLY A 231 -6.94 6.10 -12.59
C GLY A 231 -7.06 5.64 -11.17
N VAL A 232 -7.06 6.62 -10.25
CA VAL A 232 -7.19 6.32 -8.82
C VAL A 232 -8.59 5.75 -8.54
N LEU A 233 -9.64 6.34 -9.11
CA LEU A 233 -10.98 5.74 -9.01
C LEU A 233 -11.00 4.26 -9.42
N LEU A 234 -10.40 3.89 -10.55
CA LEU A 234 -10.34 2.47 -10.97
C LEU A 234 -9.73 1.64 -9.84
N TRP A 235 -8.58 2.09 -9.32
CA TRP A 235 -7.94 1.46 -8.16
C TRP A 235 -8.93 1.23 -7.02
N GLU A 236 -9.73 2.25 -6.73
CA GLU A 236 -10.75 2.14 -5.68
C GLU A 236 -11.79 1.06 -6.01
N ILE A 237 -12.27 1.02 -7.25
CA ILE A 237 -13.25 0.02 -7.60
C ILE A 237 -12.66 -1.37 -7.34
N PHE A 238 -11.42 -1.60 -7.78
CA PHE A 238 -10.89 -2.97 -7.84
C PHE A 238 -10.22 -3.45 -6.56
N THR A 239 -9.94 -2.52 -5.63
CA THR A 239 -9.68 -2.86 -4.21
C THR A 239 -10.92 -2.73 -3.33
N LEU A 240 -12.08 -2.65 -3.96
CA LEU A 240 -13.39 -2.57 -3.31
C LEU A 240 -13.46 -1.52 -2.22
N GLY A 241 -13.11 -0.29 -2.57
CA GLY A 241 -13.22 0.85 -1.65
C GLY A 241 -11.94 1.10 -0.91
N GLY A 242 -10.84 0.55 -1.43
CA GLY A 242 -9.53 0.76 -0.82
C GLY A 242 -9.13 2.21 -0.66
N SER A 243 -8.28 2.46 0.33
CA SER A 243 -7.77 3.80 0.62
C SER A 243 -6.41 4.01 -0.09
N PRO A 244 -6.30 5.00 -0.97
CA PRO A 244 -4.99 5.27 -1.60
C PRO A 244 -3.92 5.75 -0.62
N TYR A 245 -2.77 5.10 -0.68
CA TYR A 245 -1.64 5.47 0.16
C TYR A 245 -2.04 5.66 1.61
N PRO A 246 -2.28 4.55 2.34
CA PRO A 246 -2.74 4.76 3.71
C PRO A 246 -1.58 5.14 4.61
N GLY A 247 -1.88 6.03 5.56
CA GLY A 247 -0.88 6.62 6.46
C GLY A 247 0.22 7.46 5.80
N VAL A 248 0.00 7.86 4.55
CA VAL A 248 0.98 8.67 3.83
C VAL A 248 0.50 10.12 3.93
N PRO A 249 1.21 10.95 4.70
CA PRO A 249 0.82 12.33 4.80
C PRO A 249 1.26 13.12 3.58
N VAL A 250 0.74 14.34 3.50
CA VAL A 250 0.95 15.27 2.38
C VAL A 250 2.40 15.42 1.91
N GLU A 251 3.30 15.82 2.80
CA GLU A 251 4.69 16.07 2.39
C GLU A 251 5.33 14.84 1.73
N GLU A 252 4.94 13.64 2.17
CA GLU A 252 5.49 12.39 1.68
C GLU A 252 4.85 12.03 0.37
N LEU A 253 3.59 12.39 0.22
CA LEU A 253 2.90 12.17 -1.05
C LEU A 253 3.68 12.90 -2.15
N PHE A 254 4.00 14.17 -1.92
CA PHE A 254 4.73 14.96 -2.91
C PHE A 254 6.02 14.25 -3.33
N LYS A 255 6.75 13.70 -2.36
CA LYS A 255 7.95 12.90 -2.62
C LYS A 255 7.63 11.67 -3.49
N LEU A 256 6.63 10.88 -3.11
CA LEU A 256 6.24 9.73 -3.93
C LEU A 256 5.97 10.18 -5.37
N LEU A 257 5.15 11.21 -5.52
CA LEU A 257 4.90 11.75 -6.86
C LEU A 257 6.17 12.22 -7.62
N LYS A 258 6.99 13.08 -6.99
CA LYS A 258 8.21 13.57 -7.63
C LYS A 258 9.16 12.43 -8.08
N GLU A 259 9.28 11.40 -7.25
CA GLU A 259 9.98 10.15 -7.59
C GLU A 259 9.34 9.27 -8.69
N GLY A 260 8.12 9.59 -9.10
CA GLY A 260 7.41 8.79 -10.10
C GLY A 260 6.83 7.48 -9.58
N HIS A 261 6.49 7.44 -8.30
CA HIS A 261 5.94 6.25 -7.67
C HIS A 261 4.48 6.01 -8.08
N ARG A 262 4.18 4.76 -8.40
CA ARG A 262 2.85 4.34 -8.81
C ARG A 262 2.39 3.24 -7.87
N MET A 263 1.08 3.22 -7.59
CA MET A 263 0.52 2.30 -6.64
C MET A 263 0.64 0.89 -7.18
N ASP A 264 0.67 -0.06 -6.26
CA ASP A 264 0.81 -1.47 -6.60
C ASP A 264 -0.48 -1.96 -7.18
N LYS A 265 -0.39 -3.04 -7.94
CA LYS A 265 -1.57 -3.63 -8.57
C LYS A 265 -2.46 -4.36 -7.58
N PRO A 266 -3.73 -3.99 -7.50
CA PRO A 266 -4.66 -4.76 -6.65
C PRO A 266 -4.70 -6.27 -6.98
N SER A 267 -4.94 -7.10 -5.97
CA SER A 267 -5.19 -8.51 -6.26
C SER A 267 -6.60 -8.62 -6.81
N ASN A 268 -6.91 -9.73 -7.47
CA ASN A 268 -8.17 -9.83 -8.23
C ASN A 268 -8.35 -8.56 -9.06
N CYS A 269 -7.39 -8.35 -9.94
CA CYS A 269 -7.34 -7.25 -10.89
C CYS A 269 -6.41 -7.74 -11.97
N THR A 270 -6.77 -7.49 -13.22
CA THR A 270 -6.11 -8.15 -14.37
C THR A 270 -4.98 -7.26 -14.82
N ASN A 271 -3.99 -7.80 -15.50
CA ASN A 271 -2.92 -6.94 -15.99
C ASN A 271 -3.44 -5.83 -16.89
N GLU A 272 -4.35 -6.20 -17.82
CA GLU A 272 -4.95 -5.26 -18.77
C GLU A 272 -5.57 -4.06 -18.06
N LEU A 273 -6.31 -4.33 -16.98
CA LEU A 273 -6.90 -3.27 -16.16
C LEU A 273 -5.88 -2.53 -15.35
N TYR A 274 -4.83 -3.21 -14.92
CA TYR A 274 -3.72 -2.53 -14.21
C TYR A 274 -2.91 -1.65 -15.18
N MET A 275 -2.78 -2.07 -16.43
CA MET A 275 -2.18 -1.25 -17.45
C MET A 275 -3.01 0.04 -17.65
N MET A 276 -4.34 -0.07 -17.60
CA MET A 276 -5.21 1.08 -17.75
C MET A 276 -4.94 2.14 -16.67
N MET A 277 -4.84 1.75 -15.40
CA MET A 277 -4.65 2.75 -14.39
C MET A 277 -3.30 3.37 -14.56
N ARG A 278 -2.35 2.56 -15.01
CA ARG A 278 -0.98 3.03 -15.22
C ARG A 278 -0.98 4.08 -16.32
N ASP A 279 -1.70 3.76 -17.39
CA ASP A 279 -1.87 4.65 -18.55
C ASP A 279 -2.56 5.95 -18.15
N CYS A 280 -3.57 5.86 -17.27
CA CYS A 280 -4.18 7.06 -16.70
C CYS A 280 -3.17 7.86 -15.88
N TRP A 281 -2.23 7.15 -15.24
CA TRP A 281 -1.16 7.78 -14.43
C TRP A 281 0.09 8.09 -15.21
N HIS A 282 0.01 8.12 -16.54
CA HIS A 282 1.17 8.57 -17.32
C HIS A 282 1.62 9.94 -16.79
N ALA A 283 2.93 10.10 -16.59
CA ALA A 283 3.53 11.37 -16.19
C ALA A 283 3.23 12.54 -17.14
N VAL A 284 3.35 12.26 -18.42
CA VAL A 284 3.07 13.23 -19.45
C VAL A 284 1.60 13.24 -19.85
N PRO A 285 0.86 14.32 -19.48
CA PRO A 285 -0.61 14.41 -19.68
C PRO A 285 -1.10 14.06 -21.08
N SER A 286 -0.42 14.55 -22.11
CA SER A 286 -0.81 14.29 -23.50
C SER A 286 -0.83 12.80 -23.85
N GLN A 287 -0.12 11.99 -23.08
CA GLN A 287 0.03 10.58 -23.39
C GLN A 287 -0.97 9.71 -22.64
N ARG A 288 -1.70 10.31 -21.71
CA ARG A 288 -2.78 9.62 -21.04
C ARG A 288 -3.88 9.36 -22.02
N PRO A 289 -4.67 8.29 -21.81
CA PRO A 289 -5.82 8.11 -22.70
C PRO A 289 -6.88 9.13 -22.37
N THR A 290 -7.81 9.33 -23.31
CA THR A 290 -8.94 10.20 -23.08
C THR A 290 -10.06 9.34 -22.51
N PHE A 291 -11.14 10.00 -22.10
CA PHE A 291 -12.33 9.24 -21.65
C PHE A 291 -13.02 8.62 -22.86
N LYS A 292 -12.95 9.27 -24.00
CA LYS A 292 -13.55 8.64 -25.16
C LYS A 292 -12.90 7.28 -25.31
N GLN A 293 -11.56 7.19 -25.22
CA GLN A 293 -10.84 5.92 -25.43
C GLN A 293 -11.14 4.91 -24.35
N LEU A 294 -11.10 5.40 -23.10
CA LEU A 294 -11.41 4.58 -21.93
C LEU A 294 -12.80 3.94 -22.02
N VAL A 295 -13.79 4.71 -22.47
CA VAL A 295 -15.14 4.17 -22.64
C VAL A 295 -15.13 3.01 -23.64
N GLU A 296 -14.33 3.13 -24.71
CA GLU A 296 -14.24 2.05 -25.70
C GLU A 296 -13.60 0.79 -25.14
N ASP A 297 -12.55 0.96 -24.34
CA ASP A 297 -11.80 -0.19 -23.81
C ASP A 297 -12.61 -0.87 -22.72
N LEU A 298 -13.24 -0.08 -21.88
CA LEU A 298 -14.15 -0.61 -20.87
C LEU A 298 -15.33 -1.36 -21.54
N ASP A 299 -15.92 -0.78 -22.57
CA ASP A 299 -16.98 -1.47 -23.27
C ASP A 299 -16.51 -2.86 -23.72
N ARG A 300 -15.35 -2.90 -24.35
CA ARG A 300 -14.77 -4.15 -24.79
C ARG A 300 -14.48 -5.15 -23.64
N ILE A 301 -13.98 -4.63 -22.52
CA ILE A 301 -13.57 -5.45 -21.38
C ILE A 301 -14.78 -5.92 -20.57
N VAL A 302 -15.80 -5.08 -20.42
CA VAL A 302 -17.02 -5.53 -19.73
C VAL A 302 -17.55 -6.76 -20.46
N ALA A 303 -17.70 -6.62 -21.77
CA ALA A 303 -18.20 -7.72 -22.60
C ALA A 303 -17.45 -9.03 -22.44
N LEU A 304 -16.14 -8.98 -22.22
CA LEU A 304 -15.33 -10.20 -22.02
C LEU A 304 -15.06 -10.58 -20.56
N THR A 305 -15.48 -9.75 -19.60
CA THR A 305 -15.24 -10.04 -18.18
C THR A 305 -16.38 -10.88 -17.61
N SER A 306 -16.02 -11.85 -16.79
CA SER A 306 -16.94 -12.89 -16.36
C SER A 306 -17.98 -12.39 -15.38
N SER B 5 39.84 -8.08 27.61
CA SER B 5 39.98 -8.09 26.11
C SER B 5 40.94 -7.04 25.50
N GLU B 6 41.51 -6.14 26.31
CA GLU B 6 42.33 -5.03 25.78
C GLU B 6 43.63 -5.47 25.08
N TYR B 7 44.32 -6.46 25.65
CA TYR B 7 45.61 -6.91 25.14
C TYR B 7 45.54 -8.25 24.43
N GLU B 8 44.74 -9.16 24.95
CA GLU B 8 44.56 -10.44 24.29
C GLU B 8 43.16 -11.01 24.48
N LEU B 9 42.68 -11.70 23.46
CA LEU B 9 41.40 -12.36 23.57
C LEU B 9 41.67 -13.76 24.08
N PRO B 10 40.63 -14.38 24.68
CA PRO B 10 40.69 -15.81 25.07
C PRO B 10 40.88 -16.67 23.86
N GLU B 11 41.76 -17.66 23.93
CA GLU B 11 41.98 -18.62 22.84
C GLU B 11 40.83 -19.63 22.81
N ASP B 12 40.49 -20.13 21.62
CA ASP B 12 39.58 -21.26 21.47
C ASP B 12 40.04 -22.08 20.22
N PRO B 13 40.94 -23.06 20.44
CA PRO B 13 41.57 -23.88 19.40
C PRO B 13 40.61 -24.53 18.46
N ARG B 14 39.47 -24.96 18.97
CA ARG B 14 38.41 -25.55 18.12
C ARG B 14 38.14 -24.78 16.81
N TRP B 15 38.25 -23.45 16.87
CA TRP B 15 37.83 -22.55 15.80
C TRP B 15 38.94 -21.66 15.24
N GLU B 16 40.10 -21.66 15.88
CA GLU B 16 41.19 -20.78 15.46
C GLU B 16 41.79 -21.16 14.11
N LEU B 17 41.90 -20.18 13.23
CA LEU B 17 42.56 -20.32 11.94
C LEU B 17 43.80 -19.47 12.03
N PRO B 18 44.95 -20.03 11.63
CA PRO B 18 46.12 -19.21 11.35
C PRO B 18 45.91 -18.22 10.22
N ARG B 19 46.40 -17.00 10.46
CA ARG B 19 46.23 -15.86 9.58
C ARG B 19 46.88 -16.05 8.19
N ASP B 20 48.00 -16.77 8.13
CA ASP B 20 48.63 -17.10 6.85
C ASP B 20 47.68 -17.89 5.95
N ARG B 21 46.73 -18.61 6.56
CA ARG B 21 45.73 -19.37 5.80
C ARG B 21 44.48 -18.56 5.40
N LEU B 22 44.53 -17.24 5.58
CA LEU B 22 43.44 -16.35 5.21
C LEU B 22 43.96 -15.14 4.46
N VAL B 23 43.42 -14.93 3.25
CA VAL B 23 43.82 -13.84 2.38
C VAL B 23 42.63 -12.91 2.15
N LEU B 24 42.69 -11.74 2.75
CA LEU B 24 41.60 -10.77 2.67
C LEU B 24 41.40 -10.24 1.27
N GLY B 25 40.20 -9.72 1.00
CA GLY B 25 39.84 -9.33 -0.36
C GLY B 25 38.92 -8.14 -0.45
N LYS B 26 38.14 -8.09 -1.52
CA LYS B 26 37.22 -6.98 -1.78
C LYS B 26 36.31 -6.80 -0.57
N PRO B 27 36.09 -5.55 -0.12
CA PRO B 27 35.05 -5.33 0.86
C PRO B 27 33.67 -5.79 0.39
N LEU B 28 32.86 -6.28 1.31
CA LEU B 28 31.49 -6.65 1.00
C LEU B 28 30.49 -5.59 1.50
N GLY B 29 30.72 -5.02 2.69
CA GLY B 29 29.80 -4.02 3.26
C GLY B 29 30.26 -3.44 4.59
N GLU B 30 29.87 -2.17 4.85
CA GLU B 30 30.28 -1.43 6.06
C GLU B 30 29.09 -1.14 6.95
N GLY B 31 29.31 -1.11 8.27
CA GLY B 31 28.23 -0.90 9.26
C GLY B 31 28.62 0.05 10.38
N ALA B 32 27.83 0.05 11.45
CA ALA B 32 28.06 0.89 12.64
C ALA B 32 29.45 0.66 13.27
N GLY B 34 31.10 -2.26 12.76
CA GLY B 34 31.68 -3.36 12.00
C GLY B 34 32.04 -3.07 10.55
N GLN B 35 32.58 -4.10 9.90
CA GLN B 35 32.92 -4.12 8.47
C GLN B 35 32.94 -5.61 8.05
N VAL B 36 32.52 -5.89 6.83
CA VAL B 36 32.58 -7.24 6.29
C VAL B 36 33.39 -7.18 5.02
N VAL B 37 34.34 -8.10 4.88
CA VAL B 37 35.15 -8.22 3.69
C VAL B 37 35.07 -9.64 3.19
N LEU B 38 35.22 -9.80 1.88
CA LEU B 38 35.36 -11.11 1.26
C LEU B 38 36.80 -11.57 1.47
N ALA B 39 37.00 -12.86 1.67
CA ALA B 39 38.33 -13.40 1.89
C ALA B 39 38.45 -14.79 1.30
N GLU B 40 39.70 -15.24 1.09
CA GLU B 40 39.99 -16.61 0.65
C GLU B 40 40.67 -17.38 1.77
N ALA B 41 39.90 -18.21 2.45
CA ALA B 41 40.42 -19.09 3.51
C ALA B 41 40.87 -20.45 2.96
N ILE B 42 41.79 -21.08 3.70
CA ILE B 42 42.54 -22.24 3.20
C ILE B 42 42.70 -23.29 4.31
N GLY B 43 41.96 -24.40 4.20
CA GLY B 43 42.04 -25.51 5.17
C GLY B 43 41.06 -25.53 6.35
N LEU B 44 39.76 -25.48 6.06
CA LEU B 44 38.74 -25.40 7.14
C LEU B 44 38.28 -26.80 7.63
N PRO B 49 42.37 -30.08 2.98
CA PRO B 49 43.10 -29.18 3.89
C PRO B 49 44.02 -28.16 3.20
N ASN B 50 44.13 -28.23 1.88
CA ASN B 50 44.75 -27.18 1.08
C ASN B 50 43.70 -26.68 0.05
N ARG B 51 42.43 -26.86 0.39
CA ARG B 51 41.30 -26.38 -0.41
C ARG B 51 41.10 -24.89 -0.13
N VAL B 52 40.93 -24.08 -1.19
CA VAL B 52 40.47 -22.68 -1.00
C VAL B 52 38.96 -22.64 -0.87
N THR B 53 38.51 -22.14 0.28
CA THR B 53 37.11 -21.76 0.47
C THR B 53 36.97 -20.25 0.41
N LYS B 54 36.10 -19.79 -0.48
CA LYS B 54 35.60 -18.42 -0.45
C LYS B 54 34.73 -18.15 0.81
N VAL B 55 35.17 -17.23 1.66
CA VAL B 55 34.44 -16.93 2.91
C VAL B 55 34.21 -15.43 3.15
N ALA B 56 33.28 -15.13 4.07
CA ALA B 56 33.01 -13.76 4.48
C ALA B 56 33.63 -13.56 5.86
N VAL B 57 34.19 -12.37 6.10
CA VAL B 57 34.99 -12.13 7.30
C VAL B 57 34.50 -10.87 7.98
N LYS B 58 33.80 -11.01 9.09
CA LYS B 58 33.41 -9.84 9.86
C LYS B 58 34.58 -9.44 10.70
N MET B 59 34.70 -8.13 10.88
CA MET B 59 35.78 -7.48 11.64
C MET B 59 35.39 -6.08 12.04
N LEU B 60 36.11 -5.51 12.98
CA LEU B 60 35.86 -4.14 13.38
C LEU B 60 36.44 -3.20 12.35
N LYS B 61 35.94 -1.98 12.33
CA LYS B 61 36.60 -0.89 11.62
C LYS B 61 37.59 -0.25 12.59
N SER B 62 38.44 0.64 12.08
CA SER B 62 39.57 1.15 12.87
C SER B 62 39.14 2.15 13.91
N ASP B 63 37.86 2.54 13.89
CA ASP B 63 37.34 3.45 14.92
C ASP B 63 36.49 2.75 16.00
N ALA B 64 36.66 1.45 16.18
CA ALA B 64 35.85 0.73 17.16
C ALA B 64 36.32 1.00 18.56
N THR B 65 35.41 0.81 19.51
CA THR B 65 35.73 0.94 20.94
C THR B 65 35.76 -0.44 21.56
N GLU B 66 36.14 -0.49 22.82
CA GLU B 66 36.07 -1.74 23.58
C GLU B 66 34.65 -2.35 23.36
N LYS B 67 33.61 -1.58 23.70
CA LYS B 67 32.24 -2.09 23.59
C LYS B 67 31.96 -2.73 22.23
N ASP B 68 32.36 -2.06 21.15
CA ASP B 68 32.20 -2.64 19.79
C ASP B 68 32.87 -4.02 19.64
N LEU B 69 34.10 -4.16 20.15
CA LEU B 69 34.79 -5.45 20.10
C LEU B 69 34.02 -6.53 20.86
N SER B 70 33.68 -6.22 22.10
CA SER B 70 32.94 -7.15 22.97
C SER B 70 31.62 -7.68 22.31
N ASP B 71 30.94 -6.81 21.56
CA ASP B 71 29.73 -7.16 20.85
C ASP B 71 30.04 -8.13 19.73
N LEU B 72 31.07 -7.79 18.95
CA LEU B 72 31.53 -8.73 17.92
C LEU B 72 31.87 -10.10 18.52
N ILE B 73 32.57 -10.10 19.65
CA ILE B 73 32.89 -11.33 20.35
C ILE B 73 31.63 -12.13 20.72
N SER B 74 30.71 -11.52 21.45
CA SER B 74 29.50 -12.23 21.87
C SER B 74 28.74 -12.74 20.66
N GLU B 75 28.79 -12.00 19.57
CA GLU B 75 28.15 -12.47 18.37
C GLU B 75 28.78 -13.79 17.94
N MET B 76 30.11 -13.85 17.95
CA MET B 76 30.80 -15.07 17.60
C MET B 76 30.48 -16.22 18.56
N GLU B 77 30.40 -15.89 19.84
CA GLU B 77 30.16 -16.91 20.85
C GLU B 77 28.72 -17.42 20.75
N MET B 78 27.80 -16.53 20.37
CA MET B 78 26.41 -16.89 20.14
C MET B 78 26.32 -17.87 18.98
N MET B 79 27.08 -17.63 17.92
CA MET B 79 27.12 -18.58 16.83
C MET B 79 27.64 -19.97 17.26
N LYS B 80 28.62 -20.01 18.14
CA LYS B 80 29.12 -21.30 18.67
C LYS B 80 28.03 -22.06 19.45
N MET B 81 27.31 -21.35 20.31
CA MET B 81 26.22 -21.93 21.10
C MET B 81 25.05 -22.39 20.24
N ILE B 82 24.76 -21.64 19.18
CA ILE B 82 23.63 -21.94 18.31
C ILE B 82 23.85 -23.20 17.46
N GLY B 83 25.01 -23.32 16.82
CA GLY B 83 25.34 -24.52 16.01
C GLY B 83 24.97 -24.37 14.54
N LYS B 84 25.26 -25.40 13.74
CA LYS B 84 25.10 -25.34 12.27
C LYS B 84 23.69 -25.59 11.78
N HIS B 85 23.29 -24.86 10.75
CA HIS B 85 22.09 -25.20 10.01
C HIS B 85 22.15 -24.65 8.58
N LYS B 86 21.62 -25.43 7.63
CA LYS B 86 21.75 -25.14 6.20
C LYS B 86 21.21 -23.74 5.84
N ASN B 87 20.22 -23.27 6.61
CA ASN B 87 19.50 -22.03 6.30
C ASN B 87 19.84 -20.87 7.22
N ILE B 88 21.05 -20.87 7.73
CA ILE B 88 21.59 -19.72 8.46
C ILE B 88 23.01 -19.50 7.98
N ILE B 89 23.55 -18.34 8.33
CA ILE B 89 24.93 -18.00 8.04
C ILE B 89 25.82 -18.59 9.15
N ASN B 90 26.64 -19.56 8.79
CA ASN B 90 27.37 -20.38 9.77
C ASN B 90 28.78 -19.90 10.03
N LEU B 91 29.17 -20.05 11.28
CA LEU B 91 30.52 -19.77 11.72
C LEU B 91 31.48 -20.78 11.13
N LEU B 92 32.57 -20.33 10.51
CA LEU B 92 33.59 -21.25 9.97
C LEU B 92 34.92 -21.22 10.70
N GLY B 93 35.20 -20.11 11.37
CA GLY B 93 36.44 -20.01 12.10
C GLY B 93 36.67 -18.60 12.58
N ALA B 94 37.82 -18.40 13.19
CA ALA B 94 38.17 -17.09 13.67
C ALA B 94 39.67 -16.95 13.85
N CYS B 95 40.14 -15.73 13.62
CA CYS B 95 41.44 -15.29 14.04
C CYS B 95 41.24 -14.35 15.20
N THR B 96 41.63 -14.78 16.38
CA THR B 96 41.43 -14.06 17.63
C THR B 96 42.72 -13.56 18.24
N GLN B 97 43.83 -14.18 17.86
CA GLN B 97 45.13 -13.95 18.48
C GLN B 97 46.04 -13.15 17.58
N ASP B 98 46.90 -12.38 18.24
CA ASP B 98 47.94 -11.53 17.67
C ASP B 98 47.49 -10.77 16.48
N GLY B 99 46.47 -9.94 16.70
CA GLY B 99 46.00 -9.05 15.68
C GLY B 99 44.53 -8.84 15.79
N PRO B 100 43.94 -8.17 14.80
CA PRO B 100 42.51 -7.88 14.82
C PRO B 100 41.68 -9.14 14.78
N LEU B 101 40.47 -9.04 15.33
CA LEU B 101 39.57 -10.17 15.38
C LEU B 101 38.86 -10.37 14.03
N TYR B 102 39.02 -11.56 13.47
CA TYR B 102 38.26 -11.94 12.29
C TYR B 102 37.31 -13.05 12.66
N VAL B 103 36.07 -12.89 12.26
CA VAL B 103 35.02 -13.87 12.51
C VAL B 103 34.65 -14.37 11.12
N ILE B 104 35.06 -15.60 10.83
CA ILE B 104 34.91 -16.14 9.49
C ILE B 104 33.60 -16.88 9.39
N VAL B 105 32.73 -16.38 8.51
CA VAL B 105 31.45 -16.97 8.29
C VAL B 105 31.27 -17.23 6.79
N GLU B 106 30.22 -17.99 6.49
CA GLU B 106 29.89 -18.37 5.12
C GLU B 106 29.61 -17.21 4.19
N TYR B 107 30.19 -17.31 3.01
CA TYR B 107 29.93 -16.38 1.92
C TYR B 107 28.71 -16.76 1.03
N ALA B 108 27.85 -15.76 0.85
CA ALA B 108 26.60 -15.88 0.16
C ALA B 108 26.76 -15.04 -1.10
N SER B 109 27.01 -15.65 -2.26
CA SER B 109 27.46 -14.89 -3.43
C SER B 109 26.44 -13.95 -4.03
N LYS B 110 25.16 -14.19 -3.82
CA LYS B 110 24.12 -13.39 -4.48
C LYS B 110 23.45 -12.32 -3.62
N GLY B 111 24.04 -12.01 -2.47
CA GLY B 111 23.57 -10.88 -1.65
C GLY B 111 22.23 -11.14 -0.98
N ASN B 112 21.56 -10.06 -0.58
CA ASN B 112 20.40 -10.20 0.27
C ASN B 112 19.17 -10.45 -0.54
N LEU B 113 18.20 -11.11 0.06
CA LEU B 113 16.98 -11.54 -0.59
C LEU B 113 16.21 -10.43 -1.29
N ARG B 114 16.13 -9.23 -0.70
CA ARG B 114 15.42 -8.09 -1.31
C ARG B 114 15.99 -7.84 -2.68
N GLU B 115 17.29 -7.55 -2.72
CA GLU B 115 17.99 -7.31 -3.97
C GLU B 115 17.81 -8.47 -4.92
N TYR B 116 18.04 -9.67 -4.41
CA TYR B 116 17.88 -10.90 -5.22
C TYR B 116 16.52 -11.00 -5.91
N LEU B 117 15.47 -10.83 -5.12
CA LEU B 117 14.12 -10.80 -5.67
C LEU B 117 13.95 -9.69 -6.70
N GLN B 118 14.23 -8.46 -6.30
CA GLN B 118 14.21 -7.29 -7.20
C GLN B 118 15.01 -7.47 -8.51
N ALA B 119 16.20 -8.07 -8.43
CA ALA B 119 16.96 -8.34 -9.67
C ALA B 119 16.31 -9.41 -10.56
N ARG B 120 15.21 -10.04 -10.14
CA ARG B 120 14.62 -11.14 -10.90
C ARG B 120 13.15 -10.98 -11.25
N ARG B 121 12.67 -9.73 -11.33
CA ARG B 121 11.23 -9.47 -11.46
C ARG B 121 10.52 -10.00 -12.76
N GLN B 138 14.48 -15.49 -13.20
CA GLN B 138 13.02 -15.28 -13.16
C GLN B 138 12.34 -16.40 -12.39
N LEU B 139 12.01 -16.10 -11.15
CA LEU B 139 11.52 -17.08 -10.16
C LEU B 139 10.08 -17.50 -10.37
N SER B 140 9.86 -18.82 -10.38
CA SER B 140 8.51 -19.40 -10.44
C SER B 140 7.76 -19.29 -9.09
N SER B 141 6.46 -19.50 -9.15
CA SER B 141 5.62 -19.52 -7.98
C SER B 141 6.18 -20.46 -6.90
N LYS B 142 6.67 -21.64 -7.30
CA LYS B 142 7.33 -22.57 -6.37
C LYS B 142 8.66 -22.02 -5.80
N ASP B 143 9.54 -21.53 -6.69
CA ASP B 143 10.82 -20.91 -6.26
C ASP B 143 10.57 -19.90 -5.11
N LEU B 144 9.53 -19.10 -5.25
CA LEU B 144 9.13 -18.11 -4.25
C LEU B 144 8.66 -18.73 -2.91
N VAL B 145 7.80 -19.74 -3.01
CA VAL B 145 7.33 -20.45 -1.80
C VAL B 145 8.52 -21.17 -1.13
N SER B 146 9.30 -21.86 -1.96
CA SER B 146 10.50 -22.57 -1.50
C SER B 146 11.38 -21.62 -0.70
N CYS B 147 11.62 -20.46 -1.29
CA CYS B 147 12.31 -19.39 -0.58
C CYS B 147 11.70 -19.22 0.85
N ALA B 148 10.39 -19.04 0.93
CA ALA B 148 9.72 -18.84 2.23
C ALA B 148 9.90 -20.05 3.15
N TYR B 149 9.78 -21.25 2.58
CA TYR B 149 10.00 -22.48 3.35
C TYR B 149 11.36 -22.39 4.04
N GLN B 150 12.40 -22.26 3.23
CA GLN B 150 13.77 -22.18 3.71
C GLN B 150 13.95 -21.15 4.86
N VAL B 151 13.43 -19.95 4.67
CA VAL B 151 13.58 -18.94 5.69
C VAL B 151 13.01 -19.43 7.01
N ALA B 152 11.86 -20.10 6.93
CA ALA B 152 11.10 -20.51 8.09
C ALA B 152 11.77 -21.67 8.78
N ARG B 153 12.43 -22.54 8.01
CA ARG B 153 13.30 -23.57 8.60
C ARG B 153 14.41 -22.92 9.41
N GLY B 154 15.16 -22.06 8.74
CA GLY B 154 16.23 -21.29 9.37
C GLY B 154 15.75 -20.73 10.69
N MET B 155 14.52 -20.24 10.71
CA MET B 155 13.95 -19.66 11.92
C MET B 155 13.50 -20.69 12.96
N GLU B 156 13.05 -21.85 12.50
CA GLU B 156 12.62 -22.88 13.43
C GLU B 156 13.87 -23.32 14.19
N TYR B 157 14.96 -23.43 13.45
CA TYR B 157 16.23 -23.89 14.01
C TYR B 157 16.67 -22.91 15.06
N LEU B 158 16.80 -21.66 14.65
CA LEU B 158 17.22 -20.58 15.54
C LEU B 158 16.36 -20.56 16.78
N ALA B 159 15.05 -20.54 16.57
CA ALA B 159 14.06 -20.62 17.65
C ALA B 159 14.27 -21.80 18.60
N SER B 160 14.63 -22.96 18.06
CA SER B 160 14.90 -24.15 18.87
C SER B 160 16.19 -24.01 19.67
N LYS B 161 16.95 -22.97 19.34
CA LYS B 161 18.21 -22.73 20.02
C LYS B 161 18.12 -21.47 20.84
N LYS B 162 16.90 -21.11 21.24
CA LYS B 162 16.68 -19.93 22.11
C LYS B 162 17.09 -18.58 21.47
N CYS B 163 17.17 -18.52 20.16
CA CYS B 163 17.61 -17.32 19.46
C CYS B 163 16.46 -16.52 18.84
N ILE B 164 16.36 -15.27 19.28
CA ILE B 164 15.38 -14.33 18.78
C ILE B 164 16.15 -13.31 17.93
N HIS B 165 15.79 -13.25 16.64
CA HIS B 165 16.40 -12.34 15.68
C HIS B 165 16.09 -10.84 15.94
N ARG B 166 14.81 -10.51 16.09
CA ARG B 166 14.36 -9.11 16.28
C ARG B 166 14.42 -8.20 15.03
N ASP B 167 15.25 -8.49 14.02
CA ASP B 167 15.18 -7.73 12.75
C ASP B 167 15.09 -8.61 11.52
N LEU B 168 14.22 -9.60 11.59
CA LEU B 168 14.09 -10.53 10.49
C LEU B 168 13.41 -9.79 9.37
N ALA B 169 14.06 -9.78 8.21
CA ALA B 169 13.56 -9.08 7.01
C ALA B 169 14.39 -9.55 5.87
N ALA B 170 13.89 -9.40 4.64
CA ALA B 170 14.59 -9.93 3.45
C ALA B 170 16.02 -9.43 3.36
N ARG B 171 16.26 -8.20 3.80
CA ARG B 171 17.61 -7.63 3.83
C ARG B 171 18.62 -8.38 4.72
N ASN B 172 18.11 -9.22 5.63
CA ASN B 172 18.94 -10.01 6.54
C ASN B 172 18.87 -11.47 6.23
N VAL B 173 18.42 -11.79 5.03
CA VAL B 173 18.52 -13.13 4.48
C VAL B 173 19.48 -12.98 3.33
N LEU B 174 20.59 -13.71 3.37
CA LEU B 174 21.49 -13.76 2.24
C LEU B 174 21.18 -14.97 1.37
N VAL B 175 21.59 -14.89 0.11
CA VAL B 175 21.43 -15.96 -0.88
C VAL B 175 22.80 -16.35 -1.48
N THR B 176 23.04 -17.65 -1.60
CA THR B 176 24.32 -18.21 -2.05
C THR B 176 24.33 -18.51 -3.55
N GLU B 177 25.51 -18.86 -4.09
CA GLU B 177 25.66 -19.30 -5.50
C GLU B 177 24.62 -20.32 -5.87
N ASP B 178 24.43 -21.32 -4.99
CA ASP B 178 23.48 -22.41 -5.24
C ASP B 178 22.08 -22.10 -4.72
N ASN B 179 21.79 -20.81 -4.56
CA ASN B 179 20.42 -20.30 -4.36
C ASN B 179 19.76 -20.67 -3.04
N VAL B 180 20.58 -21.08 -2.07
CA VAL B 180 20.13 -21.36 -0.71
C VAL B 180 19.95 -20.06 0.11
N MET B 181 18.86 -20.01 0.88
CA MET B 181 18.57 -18.92 1.80
C MET B 181 19.24 -19.14 3.14
N LYS B 182 20.00 -18.15 3.61
CA LYS B 182 20.66 -18.23 4.91
C LYS B 182 20.34 -16.97 5.74
N ILE B 183 19.70 -17.14 6.89
CA ILE B 183 19.42 -16.04 7.81
C ILE B 183 20.74 -15.44 8.29
N ALA B 184 20.91 -14.15 8.08
CA ALA B 184 22.06 -13.44 8.64
C ALA B 184 21.66 -12.62 9.85
N ASP B 185 22.68 -12.09 10.53
CA ASP B 185 22.51 -11.19 11.69
C ASP B 185 21.71 -11.76 12.85
N PHE B 186 21.57 -13.07 12.92
CA PHE B 186 20.80 -13.72 14.00
C PHE B 186 21.53 -13.69 15.34
N GLY B 187 22.82 -13.42 15.33
CA GLY B 187 23.63 -13.47 16.53
C GLY B 187 23.95 -12.11 17.12
N LEU B 188 23.33 -11.05 16.61
CA LEU B 188 23.67 -9.68 17.03
C LEU B 188 23.49 -9.42 18.53
N ALA B 189 24.19 -8.38 18.99
CA ALA B 189 24.20 -7.96 20.39
C ALA B 189 23.12 -6.89 20.63
N ASP B 196 16.01 3.27 18.28
CA ASP B 196 15.96 4.47 17.43
C ASP B 196 15.13 4.19 16.19
N TYR B 197 13.85 4.51 16.30
CA TYR B 197 12.85 4.15 15.29
C TYR B 197 13.04 4.82 13.93
N TYR B 198 13.81 5.92 13.91
CA TYR B 198 13.94 6.78 12.73
C TYR B 198 15.14 6.45 11.81
N LYS B 199 16.10 5.67 12.31
CA LYS B 199 17.24 5.21 11.50
C LYS B 199 16.75 4.39 10.29
N LYS B 200 17.18 4.82 9.09
CA LYS B 200 16.65 4.30 7.82
C LYS B 200 17.59 3.35 7.05
N GLY B 204 16.75 2.77 1.78
CA GLY B 204 16.49 3.72 2.86
C GLY B 204 15.08 3.61 3.47
N ARG B 205 14.76 2.41 3.96
CA ARG B 205 13.46 2.13 4.61
C ARG B 205 13.53 2.15 6.14
N LEU B 206 12.37 2.03 6.79
CA LEU B 206 12.24 1.99 8.25
C LEU B 206 12.00 0.56 8.78
N PRO B 207 12.98 -0.01 9.49
CA PRO B 207 12.81 -1.31 10.11
C PRO B 207 11.60 -1.48 11.01
N VAL B 208 11.14 -0.41 11.65
CA VAL B 208 9.92 -0.44 12.48
C VAL B 208 8.73 -1.09 11.77
N LYS B 209 8.74 -0.99 10.43
CA LYS B 209 7.71 -1.58 9.59
C LYS B 209 7.75 -3.10 9.59
N TRP B 210 8.70 -3.67 10.30
CA TRP B 210 8.75 -5.12 10.46
C TRP B 210 8.45 -5.55 11.90
N MET B 211 8.32 -4.62 12.82
CA MET B 211 8.13 -5.03 14.20
C MET B 211 6.68 -5.35 14.55
N ALA B 212 6.49 -6.47 15.24
CA ALA B 212 5.25 -6.78 15.96
C ALA B 212 4.83 -5.62 16.85
N PRO B 213 3.51 -5.44 17.04
CA PRO B 213 2.99 -4.34 17.86
C PRO B 213 3.49 -4.41 19.29
N GLU B 214 3.48 -5.60 19.88
CA GLU B 214 3.94 -5.74 21.25
C GLU B 214 5.43 -5.41 21.40
N ALA B 215 6.24 -5.76 20.40
CA ALA B 215 7.68 -5.44 20.41
C ALA B 215 7.85 -3.96 20.25
N LEU B 216 7.04 -3.36 19.39
CA LEU B 216 7.09 -1.91 19.14
C LEU B 216 6.64 -1.07 20.33
N PHE B 217 5.48 -1.42 20.89
CA PHE B 217 4.83 -0.64 21.94
C PHE B 217 5.11 -1.13 23.35
N ASP B 218 5.31 -2.43 23.54
CA ASP B 218 5.51 -3.00 24.87
C ASP B 218 6.92 -3.54 25.06
N ARG B 219 7.81 -3.26 24.11
CA ARG B 219 9.18 -3.80 24.11
C ARG B 219 9.26 -5.25 24.61
N ILE B 220 8.30 -6.05 24.17
CA ILE B 220 8.25 -7.48 24.39
C ILE B 220 8.88 -8.10 23.14
N TYR B 221 9.86 -8.96 23.34
CA TYR B 221 10.53 -9.60 22.21
C TYR B 221 10.47 -11.12 22.40
N THR B 222 9.71 -11.80 21.55
CA THR B 222 9.55 -13.23 21.67
C THR B 222 9.79 -13.86 20.32
N HIS B 223 9.77 -15.19 20.30
CA HIS B 223 9.84 -15.93 19.04
C HIS B 223 8.67 -15.63 18.16
N GLN B 224 7.53 -15.35 18.77
CA GLN B 224 6.32 -14.97 18.04
C GLN B 224 6.39 -13.54 17.47
N SER B 225 7.16 -12.65 18.09
CA SER B 225 7.37 -11.33 17.49
C SER B 225 8.25 -11.40 16.23
N ASP B 226 9.13 -12.39 16.16
CA ASP B 226 9.77 -12.74 14.88
C ASP B 226 8.78 -13.32 13.88
N VAL B 227 7.82 -14.11 14.35
CA VAL B 227 6.81 -14.65 13.44
C VAL B 227 6.07 -13.54 12.65
N TRP B 228 5.73 -12.45 13.33
CA TRP B 228 5.14 -11.27 12.70
C TRP B 228 6.05 -10.69 11.63
N SER B 229 7.33 -10.54 11.95
CA SER B 229 8.31 -10.12 10.96
C SER B 229 8.37 -11.08 9.79
N PHE B 230 8.29 -12.37 10.06
CA PHE B 230 8.24 -13.36 8.97
C PHE B 230 7.02 -13.10 8.04
N GLY B 231 5.91 -12.68 8.62
CA GLY B 231 4.77 -12.23 7.84
C GLY B 231 5.16 -11.16 6.85
N VAL B 232 5.78 -10.08 7.35
CA VAL B 232 6.18 -8.99 6.46
C VAL B 232 7.23 -9.49 5.43
N LEU B 233 8.02 -10.48 5.79
CA LEU B 233 9.03 -11.03 4.88
C LEU B 233 8.38 -11.80 3.73
N LEU B 234 7.41 -12.63 4.06
CA LEU B 234 6.52 -13.26 3.08
C LEU B 234 5.92 -12.22 2.14
N TRP B 235 5.45 -11.11 2.70
CA TRP B 235 4.92 -9.99 1.88
C TRP B 235 6.00 -9.41 0.97
N GLU B 236 7.24 -9.32 1.46
CA GLU B 236 8.37 -8.90 0.62
C GLU B 236 8.59 -9.92 -0.50
N ILE B 237 8.60 -11.20 -0.13
CA ILE B 237 8.84 -12.25 -1.09
C ILE B 237 7.85 -12.11 -2.24
N PHE B 238 6.56 -12.08 -1.94
CA PHE B 238 5.56 -12.21 -3.00
C PHE B 238 5.25 -10.86 -3.69
N THR B 239 5.80 -9.76 -3.17
CA THR B 239 5.94 -8.51 -3.94
C THR B 239 7.34 -8.34 -4.57
N LEU B 240 8.13 -9.40 -4.54
CA LEU B 240 9.43 -9.46 -5.19
C LEU B 240 10.33 -8.28 -4.83
N GLY B 241 10.55 -8.08 -3.52
CA GLY B 241 11.36 -6.96 -3.02
C GLY B 241 10.57 -5.66 -2.82
N GLY B 242 9.25 -5.78 -2.74
CA GLY B 242 8.42 -4.62 -2.48
C GLY B 242 8.77 -3.93 -1.19
N SER B 243 8.39 -2.67 -1.11
CA SER B 243 8.68 -1.81 0.02
C SER B 243 7.41 -1.65 0.84
N PRO B 244 7.43 -2.10 2.11
CA PRO B 244 6.16 -2.05 2.82
C PRO B 244 5.83 -0.65 3.25
N TYR B 245 4.59 -0.23 3.04
CA TYR B 245 4.14 1.10 3.50
C TYR B 245 5.02 2.23 2.96
N PRO B 246 5.07 2.35 1.62
CA PRO B 246 6.01 3.31 1.07
C PRO B 246 5.46 4.69 1.36
N GLY B 247 6.31 5.58 1.85
CA GLY B 247 5.94 6.97 2.14
C GLY B 247 5.39 7.23 3.53
N VAL B 248 5.12 6.16 4.26
CA VAL B 248 4.53 6.24 5.59
C VAL B 248 5.65 6.41 6.60
N PRO B 249 5.61 7.51 7.35
CA PRO B 249 6.64 7.73 8.36
C PRO B 249 6.27 7.04 9.64
N VAL B 250 7.11 7.24 10.67
CA VAL B 250 6.99 6.47 11.92
C VAL B 250 5.70 6.77 12.66
N GLU B 251 5.35 8.04 12.77
CA GLU B 251 4.20 8.45 13.60
C GLU B 251 2.92 7.93 12.96
N GLU B 252 2.86 7.98 11.62
CA GLU B 252 1.71 7.41 10.91
C GLU B 252 1.64 5.88 10.98
N LEU B 253 2.78 5.21 11.04
CA LEU B 253 2.81 3.73 11.15
C LEU B 253 2.25 3.25 12.49
N PHE B 254 2.60 3.95 13.57
CA PHE B 254 2.03 3.67 14.89
C PHE B 254 0.52 3.75 14.78
N LYS B 255 0.06 4.84 14.15
CA LYS B 255 -1.37 5.08 13.95
C LYS B 255 -2.00 3.86 13.32
N LEU B 256 -1.42 3.38 12.22
CA LEU B 256 -2.00 2.29 11.47
C LEU B 256 -2.07 0.99 12.26
N LEU B 257 -1.00 0.66 12.97
CA LEU B 257 -0.99 -0.60 13.72
C LEU B 257 -2.13 -0.59 14.72
N LYS B 258 -2.21 0.47 15.53
CA LYS B 258 -3.32 0.71 16.45
C LYS B 258 -4.68 0.50 15.77
N GLU B 259 -4.84 1.06 14.57
CA GLU B 259 -6.10 0.90 13.81
C GLU B 259 -6.33 -0.55 13.35
N GLY B 260 -5.39 -1.44 13.61
CA GLY B 260 -5.50 -2.83 13.18
C GLY B 260 -5.38 -2.97 11.68
N HIS B 261 -4.67 -2.00 11.08
CA HIS B 261 -4.51 -1.94 9.65
C HIS B 261 -3.57 -3.05 9.25
N ARG B 262 -3.88 -3.71 8.14
CA ARG B 262 -3.06 -4.78 7.60
C ARG B 262 -2.84 -4.49 6.11
N MET B 263 -1.66 -4.77 5.59
CA MET B 263 -1.37 -4.53 4.17
C MET B 263 -2.24 -5.45 3.30
N ASP B 264 -2.51 -5.05 2.06
CA ASP B 264 -3.42 -5.81 1.18
C ASP B 264 -2.71 -7.02 0.54
N LYS B 265 -3.50 -8.04 0.24
CA LYS B 265 -3.05 -9.20 -0.52
C LYS B 265 -2.28 -8.73 -1.74
N PRO B 266 -0.98 -9.06 -1.86
CA PRO B 266 -0.33 -8.74 -3.13
C PRO B 266 -0.95 -9.48 -4.29
N SER B 267 -0.70 -8.99 -5.50
CA SER B 267 -1.09 -9.70 -6.71
C SER B 267 -0.06 -10.79 -6.94
N ASN B 268 -0.50 -11.92 -7.49
CA ASN B 268 0.34 -13.09 -7.60
C ASN B 268 0.66 -13.53 -6.17
N CYS B 269 -0.40 -13.98 -5.52
CA CYS B 269 -0.38 -14.44 -4.15
C CYS B 269 -1.71 -15.10 -3.90
N THR B 270 -1.65 -16.38 -3.56
CA THR B 270 -2.85 -17.15 -3.29
C THR B 270 -3.49 -16.66 -2.00
N ASN B 271 -4.81 -16.80 -1.88
CA ASN B 271 -5.49 -16.37 -0.65
C ASN B 271 -5.04 -17.11 0.61
N GLU B 272 -4.46 -18.30 0.43
CA GLU B 272 -3.94 -19.05 1.56
C GLU B 272 -2.56 -18.53 1.99
N LEU B 273 -1.73 -18.14 1.02
CA LEU B 273 -0.43 -17.53 1.34
C LEU B 273 -0.68 -16.18 2.05
N TYR B 274 -1.67 -15.44 1.57
CA TYR B 274 -1.98 -14.15 2.16
C TYR B 274 -2.55 -14.34 3.56
N MET B 275 -3.30 -15.42 3.78
CA MET B 275 -3.87 -15.69 5.12
C MET B 275 -2.80 -16.19 6.11
N MET B 276 -1.70 -16.70 5.57
CA MET B 276 -0.54 -17.05 6.38
C MET B 276 0.00 -15.73 6.92
N MET B 277 0.15 -14.76 6.04
CA MET B 277 0.58 -13.45 6.44
C MET B 277 -0.36 -12.87 7.49
N ARG B 278 -1.67 -12.99 7.29
CA ARG B 278 -2.60 -12.38 8.24
C ARG B 278 -2.48 -13.11 9.57
N ASP B 279 -2.40 -14.44 9.52
CA ASP B 279 -2.14 -15.27 10.71
C ASP B 279 -0.95 -14.75 11.53
N CYS B 280 0.19 -14.59 10.84
CA CYS B 280 1.39 -13.93 11.37
C CYS B 280 1.12 -12.57 11.93
N TRP B 281 0.16 -11.85 11.34
CA TRP B 281 -0.19 -10.51 11.79
C TRP B 281 -1.35 -10.40 12.80
N HIS B 282 -1.59 -11.46 13.58
CA HIS B 282 -2.64 -11.45 14.59
C HIS B 282 -2.20 -10.52 15.71
N ALA B 283 -3.11 -9.72 16.25
CA ALA B 283 -2.74 -8.75 17.30
C ALA B 283 -2.30 -9.47 18.58
N VAL B 284 -2.89 -10.64 18.82
CA VAL B 284 -2.48 -11.54 19.90
C VAL B 284 -1.36 -12.49 19.46
N PRO B 285 -0.21 -12.46 20.14
CA PRO B 285 0.95 -13.26 19.79
C PRO B 285 0.74 -14.78 19.79
N SER B 286 -0.04 -15.25 20.76
CA SER B 286 -0.26 -16.69 20.98
C SER B 286 -1.14 -17.29 19.90
N GLN B 287 -1.97 -16.44 19.28
CA GLN B 287 -2.77 -16.85 18.12
C GLN B 287 -1.96 -16.97 16.83
N ARG B 288 -0.77 -16.38 16.79
CA ARG B 288 0.08 -16.50 15.60
C ARG B 288 0.51 -17.95 15.40
N PRO B 289 0.83 -18.33 14.17
CA PRO B 289 1.38 -19.66 14.06
C PRO B 289 2.85 -19.65 14.54
N THR B 290 3.36 -20.81 14.89
CA THR B 290 4.78 -20.93 15.20
C THR B 290 5.56 -21.24 13.94
N PHE B 291 6.87 -21.02 14.02
CA PHE B 291 7.77 -21.41 12.96
C PHE B 291 7.66 -22.89 12.67
N LYS B 292 7.56 -23.71 13.71
CA LYS B 292 7.32 -25.14 13.54
C LYS B 292 6.05 -25.36 12.68
N GLN B 293 4.95 -24.68 13.05
CA GLN B 293 3.71 -24.67 12.26
C GLN B 293 3.92 -24.17 10.81
N LEU B 294 4.67 -23.07 10.68
CA LEU B 294 4.92 -22.45 9.36
C LEU B 294 5.73 -23.36 8.45
N VAL B 295 6.70 -24.04 9.03
CA VAL B 295 7.52 -24.95 8.25
C VAL B 295 6.64 -26.08 7.72
N GLU B 296 5.79 -26.62 8.58
CA GLU B 296 4.90 -27.74 8.18
C GLU B 296 3.88 -27.28 7.13
N ASP B 297 3.29 -26.11 7.34
CA ASP B 297 2.38 -25.50 6.33
C ASP B 297 3.11 -25.20 5.02
N LEU B 298 4.26 -24.55 5.08
CA LEU B 298 4.98 -24.18 3.86
C LEU B 298 5.49 -25.41 3.11
N ASP B 299 5.81 -26.47 3.85
CA ASP B 299 6.17 -27.75 3.24
C ASP B 299 5.03 -28.23 2.33
N ARG B 300 3.82 -28.20 2.86
CA ARG B 300 2.63 -28.67 2.17
C ARG B 300 2.41 -27.87 0.90
N ILE B 301 2.49 -26.55 1.02
CA ILE B 301 2.18 -25.61 -0.06
C ILE B 301 3.22 -25.67 -1.19
N VAL B 302 4.52 -25.81 -0.84
CA VAL B 302 5.59 -26.01 -1.83
C VAL B 302 5.30 -27.23 -2.73
N ALA B 303 4.92 -28.34 -2.11
CA ALA B 303 4.62 -29.57 -2.83
C ALA B 303 3.37 -29.44 -3.70
N LEU B 304 2.58 -28.38 -3.50
CA LEU B 304 1.31 -28.19 -4.19
C LEU B 304 1.20 -26.84 -4.92
N THR B 305 2.27 -26.42 -5.58
CA THR B 305 2.29 -25.13 -6.28
C THR B 305 2.65 -25.30 -7.74
#